data_2PLM
#
_entry.id   2PLM
#
_cell.length_a   113.278
_cell.length_b   113.278
_cell.length_c   80.298
_cell.angle_alpha   90.00
_cell.angle_beta   90.00
_cell.angle_gamma   120.00
#
_symmetry.space_group_name_H-M   'P 32 2 1'
#
loop_
_entity.id
_entity.type
_entity.pdbx_description
1 polymer 'Uncharacterized protein'
2 non-polymer 'ZINC ION'
3 non-polymer '(2S)-2-AMINO-4-({[(2S,3S,4R,5R)-3,4-DIHYDROXY-5-(6-OXO-1,6-DIHYDRO-9H-PURIN-9-YL)TETRAHYDROFURAN-2-YL]METHYL}THIO)BUTANOIC ACID'
4 water water
#
_entity_poly.entity_id   1
_entity_poly.type   'polypeptide(L)'
_entity_poly.pdbx_seq_one_letter_code
;MIIGNCLILKDFSSEPFWGAVEIENGTIKRVLQGEVKVDLDLSGKLVMPALFNTHTHAPMTLLRGVAEDLSFEEWLFSKV
LPIEDRLTEKMAYYGTILAQMEMARHGIAGFVDMYFHEEWIAKAVRDFGMRALLTRGLVDSNGDDGGRLEENLKLYNEWN
GFEGRIFVGFGPHSPYLCSEEYLKRVFDTAKSLNAPVTIHLYETSKEEYDLEDILNIGLKEVKTIAAHCVHLPERYFGVL
KDIPFFVSHNPASNLKLGNGIAPVQRMIEHGMKVTLGTDGAASNNSLNLFFEMRLASLLQKAQNPRNLDVNTCLKMVTYD
GAQAMGFKSGKIEEGWNADLVVIDLDLPEMFPVQNIKNHLVHAFSGEVFATMVAGKWIYFDGEYPTIDSEEVKRELARIE
KELYSS
;
_entity_poly.pdbx_strand_id   A
#
# COMPACT_ATOMS: atom_id res chain seq x y z
N MET A 1 26.60 1.12 8.24
CA MET A 1 26.10 -0.16 8.80
C MET A 1 26.06 -1.25 7.73
N ILE A 2 26.49 -2.45 8.11
CA ILE A 2 26.49 -3.58 7.20
C ILE A 2 25.76 -4.74 7.85
N ILE A 3 24.65 -5.14 7.23
CA ILE A 3 23.86 -6.25 7.73
C ILE A 3 23.96 -7.35 6.68
N GLY A 4 23.96 -8.60 7.12
CA GLY A 4 24.05 -9.68 6.16
C GLY A 4 24.57 -10.98 6.68
N ASN A 5 25.43 -11.61 5.86
CA ASN A 5 26.00 -12.91 6.19
C ASN A 5 24.80 -13.85 6.19
N CYS A 6 24.02 -13.74 5.12
CA CYS A 6 22.81 -14.53 4.94
C CYS A 6 22.41 -14.42 3.48
N LEU A 7 21.24 -14.97 3.15
CA LEU A 7 20.75 -14.90 1.79
C LEU A 7 20.23 -13.51 1.48
N ILE A 8 20.44 -13.06 0.24
CA ILE A 8 20.01 -11.75 -0.20
C ILE A 8 19.24 -11.85 -1.51
N LEU A 9 17.99 -11.41 -1.50
CA LEU A 9 17.18 -11.41 -2.71
C LEU A 9 17.18 -9.98 -3.24
N LYS A 10 18.09 -9.75 -4.18
CA LYS A 10 18.27 -8.45 -4.81
C LYS A 10 16.97 -7.86 -5.34
N ASP A 11 16.27 -8.64 -6.16
CA ASP A 11 15.01 -8.19 -6.74
C ASP A 11 14.14 -9.37 -7.15
N PHE A 12 12.95 -9.05 -7.64
CA PHE A 12 11.96 -10.04 -8.05
C PHE A 12 12.44 -11.03 -9.13
N SER A 13 13.33 -10.59 -9.99
CA SER A 13 13.80 -11.46 -11.08
C SER A 13 15.11 -12.20 -10.85
N SER A 14 15.74 -12.00 -9.70
CA SER A 14 17.00 -12.69 -9.45
C SER A 14 16.83 -13.80 -8.42
N GLU A 15 17.90 -14.56 -8.20
CA GLU A 15 17.87 -15.66 -7.23
C GLU A 15 18.68 -15.28 -6.00
N PRO A 16 18.30 -15.79 -4.83
CA PRO A 16 19.02 -15.49 -3.59
C PRO A 16 20.49 -15.89 -3.65
N PHE A 17 21.32 -15.16 -2.92
CA PHE A 17 22.75 -15.43 -2.86
C PHE A 17 23.26 -15.00 -1.48
N TRP A 18 24.27 -15.71 -0.98
CA TRP A 18 24.82 -15.38 0.32
C TRP A 18 25.66 -14.11 0.23
N GLY A 19 25.34 -13.13 1.07
CA GLY A 19 26.07 -11.88 1.05
C GLY A 19 25.71 -10.93 2.18
N ALA A 20 25.84 -9.64 1.93
CA ALA A 20 25.53 -8.63 2.92
C ALA A 20 25.19 -7.30 2.27
N VAL A 21 24.62 -6.38 3.04
CA VAL A 21 24.26 -5.08 2.51
C VAL A 21 24.79 -3.97 3.41
N GLU A 22 25.29 -2.90 2.80
CA GLU A 22 25.79 -1.78 3.57
C GLU A 22 24.87 -0.58 3.38
N ILE A 23 24.34 -0.09 4.49
CA ILE A 23 23.43 1.05 4.49
C ILE A 23 24.10 2.27 5.10
N GLU A 24 23.89 3.42 4.48
CA GLU A 24 24.48 4.67 4.95
C GLU A 24 23.60 5.85 4.58
N ASN A 25 23.05 6.52 5.60
CA ASN A 25 22.18 7.67 5.36
C ASN A 25 20.94 7.27 4.54
N GLY A 26 20.22 6.28 5.04
CA GLY A 26 19.00 5.82 4.38
C GLY A 26 19.09 5.26 2.97
N THR A 27 20.29 5.00 2.47
CA THR A 27 20.42 4.47 1.12
C THR A 27 21.34 3.26 1.09
N ILE A 28 21.28 2.51 -0.01
CA ILE A 28 22.12 1.33 -0.18
C ILE A 28 23.48 1.79 -0.70
N LYS A 29 24.52 1.62 0.11
CA LYS A 29 25.86 2.03 -0.28
C LYS A 29 26.49 0.97 -1.15
N ARG A 30 26.36 -0.29 -0.75
CA ARG A 30 26.91 -1.39 -1.53
C ARG A 30 26.33 -2.73 -1.13
N VAL A 31 26.32 -3.65 -2.09
CA VAL A 31 25.82 -5.01 -1.88
C VAL A 31 27.01 -5.95 -2.00
N LEU A 32 27.32 -6.67 -0.92
CA LEU A 32 28.45 -7.58 -0.91
C LEU A 32 28.07 -9.04 -1.12
N GLN A 33 28.93 -9.78 -1.81
CA GLN A 33 28.70 -11.20 -2.08
C GLN A 33 29.69 -12.09 -1.33
N GLY A 34 29.20 -13.20 -0.80
CA GLY A 34 30.06 -14.10 -0.07
C GLY A 34 30.18 -13.71 1.39
N GLU A 35 31.23 -14.17 2.05
CA GLU A 35 31.45 -13.86 3.46
C GLU A 35 31.99 -12.43 3.60
N VAL A 36 31.73 -11.81 4.74
CA VAL A 36 32.20 -10.45 4.99
C VAL A 36 31.90 -10.08 6.44
N LYS A 37 32.67 -9.13 6.97
CA LYS A 37 32.47 -8.69 8.34
C LYS A 37 31.18 -7.86 8.39
N VAL A 38 30.25 -8.26 9.24
CA VAL A 38 28.99 -7.56 9.34
C VAL A 38 28.74 -7.04 10.75
N ASP A 39 28.01 -5.94 10.84
CA ASP A 39 27.69 -5.35 12.13
C ASP A 39 26.50 -6.11 12.70
N LEU A 40 25.65 -6.59 11.80
CA LEU A 40 24.47 -7.35 12.18
C LEU A 40 24.44 -8.65 11.38
N ASP A 41 24.62 -9.76 12.08
CA ASP A 41 24.63 -11.08 11.45
C ASP A 41 23.23 -11.66 11.39
N LEU A 42 22.66 -11.73 10.19
CA LEU A 42 21.32 -12.26 10.00
C LEU A 42 21.39 -13.65 9.36
N SER A 43 22.39 -14.42 9.75
CA SER A 43 22.57 -15.77 9.23
C SER A 43 21.34 -16.63 9.51
N GLY A 44 20.86 -17.32 8.47
CA GLY A 44 19.69 -18.16 8.62
C GLY A 44 18.42 -17.43 8.24
N LYS A 45 18.58 -16.25 7.64
CA LYS A 45 17.47 -15.42 7.24
C LYS A 45 17.66 -14.88 5.83
N LEU A 46 16.62 -14.24 5.31
CA LEU A 46 16.66 -13.67 3.97
C LEU A 46 16.40 -12.17 4.02
N VAL A 47 17.14 -11.41 3.22
CA VAL A 47 16.97 -9.97 3.15
C VAL A 47 16.47 -9.67 1.75
N MET A 48 15.36 -8.92 1.68
CA MET A 48 14.76 -8.57 0.39
C MET A 48 14.20 -7.16 0.46
N PRO A 49 13.82 -6.59 -0.69
CA PRO A 49 13.25 -5.24 -0.70
C PRO A 49 11.95 -5.25 0.08
N ALA A 50 11.64 -4.12 0.71
CA ALA A 50 10.42 -3.99 1.49
C ALA A 50 9.23 -3.89 0.54
N LEU A 51 8.02 -4.06 1.07
CA LEU A 51 6.82 -4.00 0.26
C LEU A 51 6.10 -2.65 0.33
N PHE A 52 5.34 -2.33 -0.72
CA PHE A 52 4.60 -1.07 -0.80
C PHE A 52 3.10 -1.28 -1.05
N ASN A 53 2.30 -0.91 -0.06
CA ASN A 53 0.84 -1.04 -0.09
C ASN A 53 0.21 0.17 -0.78
N THR A 54 -0.23 0.00 -2.01
CA THR A 54 -0.79 1.12 -2.77
C THR A 54 -2.23 1.57 -2.53
N HIS A 55 -2.86 1.08 -1.46
CA HIS A 55 -4.21 1.53 -1.17
C HIS A 55 -4.75 1.10 0.19
N THR A 56 -5.07 2.08 1.01
CA THR A 56 -5.63 1.81 2.33
C THR A 56 -6.30 3.04 2.93
N HIS A 57 -6.90 2.84 4.10
CA HIS A 57 -7.58 3.89 4.84
C HIS A 57 -7.11 3.54 6.25
N ALA A 58 -5.90 4.02 6.56
CA ALA A 58 -5.21 3.74 7.82
C ALA A 58 -5.99 3.68 9.13
N PRO A 59 -6.65 4.78 9.53
CA PRO A 59 -7.39 4.75 10.79
C PRO A 59 -8.50 3.69 10.89
N MET A 60 -8.89 3.08 9.77
CA MET A 60 -9.96 2.08 9.81
C MET A 60 -9.61 0.81 10.59
N THR A 61 -8.39 0.78 11.11
CA THR A 61 -7.96 -0.32 11.95
C THR A 61 -8.86 -0.27 13.20
N LEU A 62 -9.34 0.93 13.52
CA LEU A 62 -10.21 1.13 14.69
C LEU A 62 -11.60 0.56 14.46
N LEU A 63 -11.90 0.18 13.22
CA LEU A 63 -13.20 -0.39 12.88
C LEU A 63 -13.08 -1.84 12.42
N ARG A 64 -11.92 -2.44 12.66
CA ARG A 64 -11.68 -3.83 12.23
C ARG A 64 -12.78 -4.77 12.77
N GLY A 65 -13.46 -5.45 11.86
CA GLY A 65 -14.50 -6.38 12.26
C GLY A 65 -15.79 -5.77 12.77
N VAL A 66 -15.99 -4.47 12.58
CA VAL A 66 -17.24 -3.85 13.03
C VAL A 66 -18.33 -3.88 11.97
N ALA A 67 -17.97 -4.23 10.74
CA ALA A 67 -18.96 -4.24 9.68
C ALA A 67 -18.96 -5.52 8.88
N GLU A 68 -19.45 -6.59 9.48
CA GLU A 68 -19.49 -7.89 8.82
C GLU A 68 -20.87 -8.24 8.24
N ASP A 69 -20.87 -9.17 7.30
CA ASP A 69 -22.09 -9.65 6.66
C ASP A 69 -22.99 -8.55 6.12
N LEU A 70 -22.41 -7.66 5.31
CA LEU A 70 -23.19 -6.59 4.73
C LEU A 70 -22.79 -6.37 3.27
N SER A 71 -23.78 -6.05 2.43
CA SER A 71 -23.53 -5.76 1.03
C SER A 71 -22.76 -4.43 1.03
N PHE A 72 -22.14 -4.09 -0.09
CA PHE A 72 -21.37 -2.86 -0.16
C PHE A 72 -22.08 -1.58 0.29
N GLU A 73 -23.28 -1.33 -0.25
CA GLU A 73 -24.01 -0.14 0.15
C GLU A 73 -24.36 -0.11 1.63
N GLU A 74 -24.72 -1.27 2.20
CA GLU A 74 -25.05 -1.32 3.62
C GLU A 74 -23.79 -1.05 4.44
N TRP A 75 -22.72 -1.72 4.04
CA TRP A 75 -21.42 -1.60 4.71
C TRP A 75 -21.00 -0.14 4.86
N LEU A 76 -21.05 0.60 3.77
CA LEU A 76 -20.61 1.99 3.80
C LEU A 76 -21.60 3.01 4.36
N PHE A 77 -22.80 3.09 3.80
CA PHE A 77 -23.76 4.08 4.24
C PHE A 77 -24.48 3.80 5.55
N SER A 78 -24.64 2.53 5.91
CA SER A 78 -25.31 2.21 7.16
C SER A 78 -24.34 1.97 8.31
N LYS A 79 -23.26 1.25 8.05
CA LYS A 79 -22.31 0.92 9.10
C LYS A 79 -21.14 1.87 9.30
N VAL A 80 -20.31 1.97 8.28
CA VAL A 80 -19.11 2.80 8.35
C VAL A 80 -19.27 4.30 8.55
N LEU A 81 -19.99 4.98 7.67
CA LEU A 81 -20.11 6.44 7.81
C LEU A 81 -20.54 6.98 9.17
N PRO A 82 -21.52 6.33 9.83
CA PRO A 82 -21.91 6.86 11.14
C PRO A 82 -20.74 6.82 12.13
N ILE A 83 -20.00 5.70 12.12
CA ILE A 83 -18.85 5.55 13.00
C ILE A 83 -17.77 6.56 12.65
N GLU A 84 -17.54 6.78 11.36
CA GLU A 84 -16.51 7.73 10.97
C GLU A 84 -16.85 9.15 11.45
N ASP A 85 -18.13 9.44 11.63
CA ASP A 85 -18.51 10.77 12.11
C ASP A 85 -18.01 10.97 13.54
N ARG A 86 -17.69 9.88 14.22
CA ARG A 86 -17.20 9.93 15.59
C ARG A 86 -15.68 9.77 15.70
N LEU A 87 -15.02 9.52 14.58
CA LEU A 87 -13.57 9.33 14.58
C LEU A 87 -12.85 10.68 14.65
N THR A 88 -12.15 10.92 15.75
CA THR A 88 -11.45 12.18 15.98
C THR A 88 -10.04 12.28 15.43
N GLU A 89 -9.46 13.46 15.51
CA GLU A 89 -8.11 13.70 15.02
C GLU A 89 -7.14 12.81 15.79
N LYS A 90 -7.38 12.71 17.09
CA LYS A 90 -6.55 11.90 17.96
C LYS A 90 -6.66 10.43 17.56
N MET A 91 -7.87 9.98 17.25
CA MET A 91 -8.10 8.60 16.85
C MET A 91 -7.43 8.31 15.51
N ALA A 92 -7.45 9.29 14.63
CA ALA A 92 -6.83 9.15 13.32
C ALA A 92 -5.35 8.88 13.53
N TYR A 93 -4.74 9.64 14.45
CA TYR A 93 -3.32 9.47 14.71
C TYR A 93 -2.98 8.08 15.26
N TYR A 94 -3.71 7.65 16.29
CA TYR A 94 -3.46 6.33 16.88
C TYR A 94 -3.90 5.18 15.99
N GLY A 95 -4.95 5.41 15.21
CA GLY A 95 -5.39 4.36 14.31
C GLY A 95 -4.32 4.14 13.25
N THR A 96 -3.62 5.21 12.90
CA THR A 96 -2.56 5.14 11.91
C THR A 96 -1.31 4.53 12.51
N ILE A 97 -1.08 4.77 13.79
CA ILE A 97 0.08 4.19 14.45
C ILE A 97 -0.18 2.68 14.47
N LEU A 98 -1.40 2.29 14.81
CA LEU A 98 -1.77 0.88 14.84
C LEU A 98 -1.62 0.25 13.45
N ALA A 99 -2.11 0.95 12.44
CA ALA A 99 -2.03 0.48 11.07
C ALA A 99 -0.57 0.23 10.67
N GLN A 100 0.32 1.11 11.11
CA GLN A 100 1.74 0.97 10.76
C GLN A 100 2.37 -0.18 11.53
N MET A 101 1.92 -0.39 12.75
CA MET A 101 2.44 -1.47 13.54
C MET A 101 2.11 -2.76 12.79
N GLU A 102 0.86 -2.87 12.34
CA GLU A 102 0.42 -4.05 11.60
C GLU A 102 1.15 -4.21 10.26
N MET A 103 1.21 -3.16 9.47
CA MET A 103 1.87 -3.25 8.17
C MET A 103 3.35 -3.55 8.29
N ALA A 104 3.97 -3.01 9.34
CA ALA A 104 5.39 -3.20 9.57
C ALA A 104 5.74 -4.64 9.91
N ARG A 105 4.88 -5.33 10.66
CA ARG A 105 5.18 -6.70 11.00
C ARG A 105 4.96 -7.60 9.77
N HIS A 106 4.56 -6.98 8.66
CA HIS A 106 4.36 -7.73 7.43
C HIS A 106 5.28 -7.21 6.31
N GLY A 107 6.38 -6.57 6.71
CA GLY A 107 7.37 -6.07 5.78
C GLY A 107 7.02 -4.93 4.85
N ILE A 108 6.04 -4.11 5.23
CA ILE A 108 5.62 -2.98 4.41
C ILE A 108 6.38 -1.71 4.79
N ALA A 109 6.93 -1.03 3.80
CA ALA A 109 7.70 0.20 4.03
C ALA A 109 6.91 1.48 3.77
N GLY A 110 5.95 1.42 2.86
CA GLY A 110 5.15 2.59 2.54
C GLY A 110 3.73 2.26 2.12
N PHE A 111 2.84 3.23 2.24
CA PHE A 111 1.46 3.01 1.87
C PHE A 111 0.81 4.28 1.33
N VAL A 112 -0.23 4.08 0.53
CA VAL A 112 -1.00 5.16 -0.06
C VAL A 112 -2.32 5.24 0.71
N ASP A 113 -2.63 6.42 1.23
CA ASP A 113 -3.82 6.60 2.04
C ASP A 113 -4.85 7.54 1.42
N MET A 114 -6.11 7.32 1.79
CA MET A 114 -7.22 8.16 1.35
C MET A 114 -8.18 8.23 2.54
N TYR A 115 -8.16 9.33 3.26
CA TYR A 115 -9.03 9.47 4.42
C TYR A 115 -9.22 10.94 4.81
N PHE A 116 -9.56 11.16 6.08
CA PHE A 116 -9.75 12.52 6.61
C PHE A 116 -8.84 12.69 7.82
N HIS A 117 -8.79 13.89 8.39
CA HIS A 117 -7.90 14.16 9.52
C HIS A 117 -6.52 13.69 9.05
N GLU A 118 -6.26 13.92 7.76
CA GLU A 118 -5.02 13.47 7.12
C GLU A 118 -3.73 14.06 7.74
N GLU A 119 -3.79 15.28 8.26
CA GLU A 119 -2.61 15.87 8.86
C GLU A 119 -2.21 15.09 10.10
N TRP A 120 -3.18 14.49 10.79
CA TRP A 120 -2.90 13.72 11.99
C TRP A 120 -2.34 12.36 11.58
N ILE A 121 -2.75 11.91 10.40
CA ILE A 121 -2.28 10.66 9.84
C ILE A 121 -0.81 10.90 9.49
N ALA A 122 -0.53 12.07 8.91
CA ALA A 122 0.84 12.44 8.55
C ALA A 122 1.72 12.49 9.80
N LYS A 123 1.20 13.03 10.89
CA LYS A 123 1.97 13.11 12.13
C LYS A 123 2.38 11.70 12.58
N ALA A 124 1.44 10.76 12.45
CA ALA A 124 1.67 9.38 12.85
C ALA A 124 2.71 8.70 11.95
N VAL A 125 2.71 9.04 10.67
CA VAL A 125 3.68 8.45 9.76
C VAL A 125 5.04 9.08 10.07
N ARG A 126 5.01 10.36 10.43
CA ARG A 126 6.23 11.07 10.77
C ARG A 126 6.88 10.39 11.95
N ASP A 127 6.09 10.15 13.00
CA ASP A 127 6.60 9.53 14.20
C ASP A 127 7.00 8.06 14.06
N PHE A 128 6.24 7.30 13.28
CA PHE A 128 6.55 5.87 13.15
C PHE A 128 7.74 5.52 12.27
N GLY A 129 7.90 6.19 11.13
CA GLY A 129 9.05 5.89 10.28
C GLY A 129 8.80 5.42 8.85
N MET A 130 7.55 5.08 8.52
CA MET A 130 7.24 4.62 7.17
C MET A 130 7.24 5.74 6.14
N ARG A 131 7.03 5.37 4.88
CA ARG A 131 6.91 6.34 3.80
C ARG A 131 5.43 6.30 3.49
N ALA A 132 4.90 7.37 2.90
CA ALA A 132 3.49 7.37 2.58
C ALA A 132 3.11 8.44 1.58
N LEU A 133 2.13 8.11 0.75
CA LEU A 133 1.58 9.04 -0.21
C LEU A 133 0.23 9.26 0.43
N LEU A 134 0.05 10.43 1.05
CA LEU A 134 -1.22 10.73 1.72
C LEU A 134 -2.13 11.61 0.88
N THR A 135 -3.41 11.27 0.84
CA THR A 135 -4.40 12.05 0.09
C THR A 135 -5.64 12.15 0.95
N ARG A 136 -6.40 13.23 0.74
CA ARG A 136 -7.63 13.40 1.50
C ARG A 136 -8.77 12.89 0.63
N GLY A 137 -9.69 12.15 1.23
CA GLY A 137 -10.82 11.64 0.48
C GLY A 137 -11.67 12.82 0.05
N LEU A 138 -12.00 12.91 -1.25
CA LEU A 138 -12.79 14.03 -1.73
C LEU A 138 -14.14 13.59 -2.29
N VAL A 139 -15.17 14.35 -1.98
CA VAL A 139 -16.54 14.09 -2.45
C VAL A 139 -17.23 15.45 -2.52
N ASP A 140 -18.23 15.56 -3.39
CA ASP A 140 -18.91 16.83 -3.53
C ASP A 140 -20.39 16.63 -3.81
N SER A 141 -21.11 17.73 -3.74
CA SER A 141 -22.52 17.75 -4.04
C SER A 141 -22.65 18.98 -4.93
N ASN A 142 -22.79 18.76 -6.23
CA ASN A 142 -22.92 19.85 -7.19
C ASN A 142 -21.82 20.90 -7.03
N GLY A 143 -20.58 20.45 -6.80
CA GLY A 143 -19.49 21.39 -6.65
C GLY A 143 -19.14 21.79 -5.24
N ASP A 144 -20.08 21.62 -4.30
CA ASP A 144 -19.80 21.96 -2.91
C ASP A 144 -19.13 20.75 -2.26
N ASP A 145 -17.85 20.87 -1.91
CA ASP A 145 -17.14 19.75 -1.31
C ASP A 145 -16.91 19.91 0.18
N GLY A 146 -17.62 20.85 0.80
CA GLY A 146 -17.47 21.07 2.22
C GLY A 146 -16.05 21.42 2.65
N GLY A 147 -15.26 22.00 1.74
CA GLY A 147 -13.91 22.38 2.07
C GLY A 147 -12.89 21.25 2.07
N ARG A 148 -13.22 20.13 1.43
CA ARG A 148 -12.30 19.01 1.42
C ARG A 148 -11.05 19.24 0.56
N LEU A 149 -11.24 19.75 -0.66
CA LEU A 149 -10.10 20.00 -1.53
C LEU A 149 -9.15 21.00 -0.83
N GLU A 150 -9.72 22.00 -0.16
CA GLU A 150 -8.92 22.99 0.55
C GLU A 150 -8.07 22.33 1.63
N GLU A 151 -8.68 21.37 2.35
CA GLU A 151 -7.95 20.64 3.37
C GLU A 151 -6.81 19.84 2.73
N ASN A 152 -7.06 19.29 1.54
CA ASN A 152 -6.04 18.52 0.83
C ASN A 152 -4.84 19.42 0.48
N LEU A 153 -5.13 20.66 0.08
CA LEU A 153 -4.09 21.61 -0.28
C LEU A 153 -3.30 22.02 0.98
N LYS A 154 -3.99 22.16 2.10
CA LYS A 154 -3.31 22.51 3.34
C LYS A 154 -2.34 21.38 3.66
N LEU A 155 -2.83 20.16 3.52
CA LEU A 155 -2.02 18.97 3.77
C LEU A 155 -0.81 18.98 2.83
N TYR A 156 -1.04 19.29 1.57
CA TYR A 156 0.04 19.35 0.59
C TYR A 156 1.06 20.39 1.04
N ASN A 157 0.59 21.61 1.30
CA ASN A 157 1.44 22.72 1.73
C ASN A 157 2.32 22.39 2.92
N GLU A 158 1.74 21.74 3.92
CA GLU A 158 2.49 21.41 5.11
C GLU A 158 3.28 20.10 5.09
N TRP A 159 2.88 19.14 4.25
CA TRP A 159 3.61 17.88 4.27
C TRP A 159 4.25 17.31 3.01
N ASN A 160 3.95 17.84 1.84
CA ASN A 160 4.58 17.24 0.67
C ASN A 160 6.09 17.30 0.73
N GLY A 161 6.72 16.13 0.62
CA GLY A 161 8.16 16.05 0.63
C GLY A 161 8.83 15.83 1.97
N PHE A 162 8.06 15.89 3.05
CA PHE A 162 8.61 15.71 4.39
C PHE A 162 9.63 14.57 4.49
N GLU A 163 10.86 14.93 4.86
CA GLU A 163 11.97 13.99 5.02
C GLU A 163 12.15 13.00 3.89
N GLY A 164 11.58 13.29 2.73
CA GLY A 164 11.70 12.36 1.62
C GLY A 164 10.87 11.11 1.86
N ARG A 165 10.14 11.09 2.96
CA ARG A 165 9.29 9.95 3.31
C ARG A 165 7.82 10.14 2.98
N ILE A 166 7.34 11.37 3.05
CA ILE A 166 5.94 11.67 2.80
C ILE A 166 5.69 12.54 1.58
N PHE A 167 4.70 12.15 0.80
CA PHE A 167 4.29 12.88 -0.38
C PHE A 167 2.80 13.07 -0.23
N VAL A 168 2.25 14.11 -0.85
CA VAL A 168 0.82 14.36 -0.76
C VAL A 168 0.16 14.32 -2.12
N GLY A 169 -0.98 13.64 -2.20
CA GLY A 169 -1.73 13.55 -3.44
C GLY A 169 -3.19 13.91 -3.19
N PHE A 170 -4.02 13.80 -4.22
CA PHE A 170 -5.43 14.12 -4.07
C PHE A 170 -6.26 12.86 -4.20
N GLY A 171 -7.25 12.72 -3.32
CA GLY A 171 -8.06 11.51 -3.33
C GLY A 171 -9.53 11.55 -3.66
N PRO A 172 -9.91 11.97 -4.88
CA PRO A 172 -11.35 11.97 -5.18
C PRO A 172 -11.83 10.52 -4.94
N HIS A 173 -12.87 10.35 -4.12
CA HIS A 173 -13.36 9.03 -3.77
C HIS A 173 -13.69 8.08 -4.93
N SER A 174 -14.45 8.58 -5.90
CA SER A 174 -14.86 7.76 -7.03
C SER A 174 -15.61 8.64 -8.02
N PRO A 175 -15.87 8.13 -9.23
CA PRO A 175 -16.60 8.92 -10.22
C PRO A 175 -18.08 9.04 -9.86
N TYR A 176 -18.52 8.34 -8.81
CA TYR A 176 -19.94 8.44 -8.44
C TYR A 176 -20.18 9.29 -7.20
N LEU A 177 -19.14 9.54 -6.41
CA LEU A 177 -19.30 10.40 -5.23
C LEU A 177 -18.73 11.78 -5.58
N CYS A 178 -18.14 11.88 -6.76
CA CYS A 178 -17.59 13.15 -7.24
C CYS A 178 -18.29 13.50 -8.55
N SER A 179 -18.81 14.71 -8.65
CA SER A 179 -19.47 15.13 -9.88
C SER A 179 -18.41 15.26 -10.97
N GLU A 180 -18.86 15.27 -12.22
CA GLU A 180 -17.95 15.40 -13.36
C GLU A 180 -17.16 16.71 -13.27
N GLU A 181 -17.83 17.80 -12.94
CA GLU A 181 -17.18 19.10 -12.85
C GLU A 181 -16.16 19.15 -11.71
N TYR A 182 -16.52 18.57 -10.57
CA TYR A 182 -15.63 18.57 -9.42
C TYR A 182 -14.37 17.74 -9.71
N LEU A 183 -14.57 16.63 -10.40
CA LEU A 183 -13.47 15.74 -10.74
C LEU A 183 -12.46 16.44 -11.65
N LYS A 184 -12.95 17.22 -12.61
CA LYS A 184 -12.08 17.95 -13.52
C LYS A 184 -11.24 18.95 -12.73
N ARG A 185 -11.88 19.61 -11.77
CA ARG A 185 -11.18 20.57 -10.93
C ARG A 185 -10.09 19.90 -10.13
N VAL A 186 -10.38 18.71 -9.59
CA VAL A 186 -9.39 17.98 -8.81
C VAL A 186 -8.22 17.57 -9.71
N PHE A 187 -8.51 17.05 -10.89
CA PHE A 187 -7.46 16.64 -11.80
C PHE A 187 -6.63 17.85 -12.24
N ASP A 188 -7.29 18.98 -12.47
CA ASP A 188 -6.55 20.19 -12.87
C ASP A 188 -5.64 20.65 -11.76
N THR A 189 -6.11 20.52 -10.52
CA THR A 189 -5.30 20.92 -9.38
C THR A 189 -4.08 20.02 -9.31
N ALA A 190 -4.32 18.71 -9.36
CA ALA A 190 -3.23 17.74 -9.30
C ALA A 190 -2.26 17.99 -10.43
N LYS A 191 -2.81 18.27 -11.61
CA LYS A 191 -2.00 18.52 -12.79
C LYS A 191 -1.09 19.72 -12.53
N SER A 192 -1.64 20.79 -11.99
CA SER A 192 -0.85 22.01 -11.71
C SER A 192 0.28 21.78 -10.73
N LEU A 193 0.04 20.99 -9.69
CA LEU A 193 1.06 20.74 -8.70
C LEU A 193 1.92 19.53 -9.05
N ASN A 194 1.57 18.87 -10.15
CA ASN A 194 2.31 17.67 -10.56
C ASN A 194 2.25 16.69 -9.39
N ALA A 195 1.04 16.50 -8.86
CA ALA A 195 0.84 15.61 -7.74
C ALA A 195 -0.03 14.44 -8.19
N PRO A 196 0.10 13.29 -7.54
CA PRO A 196 -0.72 12.13 -7.92
C PRO A 196 -2.17 12.21 -7.49
N VAL A 197 -3.00 11.38 -8.10
CA VAL A 197 -4.41 11.26 -7.79
C VAL A 197 -4.67 9.78 -7.51
N THR A 198 -5.51 9.50 -6.50
CA THR A 198 -5.88 8.13 -6.21
C THR A 198 -7.40 8.15 -6.14
N ILE A 199 -8.03 7.17 -6.77
CA ILE A 199 -9.48 7.12 -6.81
C ILE A 199 -10.00 5.67 -6.89
N HIS A 200 -11.21 5.44 -6.38
CA HIS A 200 -11.80 4.11 -6.46
C HIS A 200 -12.43 4.07 -7.84
N LEU A 201 -12.00 3.14 -8.69
CA LEU A 201 -12.53 3.08 -10.05
C LEU A 201 -13.23 1.75 -10.36
N TYR A 202 -14.46 1.84 -10.87
CA TYR A 202 -15.23 0.66 -11.24
C TYR A 202 -15.22 -0.42 -10.16
N GLU A 203 -15.41 -0.04 -8.91
CA GLU A 203 -15.39 -1.02 -7.83
C GLU A 203 -16.58 -1.96 -7.85
N THR A 204 -17.74 -1.42 -8.17
CA THR A 204 -18.96 -2.21 -8.20
C THR A 204 -19.52 -2.33 -9.61
N SER A 205 -20.37 -3.33 -9.81
CA SER A 205 -20.98 -3.58 -11.12
C SER A 205 -21.94 -2.48 -11.57
N LYS A 206 -22.50 -1.74 -10.61
CA LYS A 206 -23.43 -0.65 -10.94
C LYS A 206 -22.75 0.46 -11.73
N GLU A 207 -21.44 0.62 -11.51
CA GLU A 207 -20.68 1.64 -12.20
C GLU A 207 -20.52 1.24 -13.66
N GLU A 208 -21.16 1.99 -14.54
CA GLU A 208 -21.11 1.70 -15.97
C GLU A 208 -20.81 2.94 -16.80
N TYR A 209 -20.24 3.96 -16.15
CA TYR A 209 -19.89 5.20 -16.83
C TYR A 209 -18.73 4.96 -17.77
N ASP A 210 -18.59 5.81 -18.77
CA ASP A 210 -17.51 5.66 -19.74
C ASP A 210 -16.25 6.31 -19.22
N LEU A 211 -15.13 5.62 -19.42
CA LEU A 211 -13.84 6.12 -18.95
C LEU A 211 -13.37 7.32 -19.78
N GLU A 212 -14.06 7.59 -20.88
CA GLU A 212 -13.71 8.72 -21.74
C GLU A 212 -13.86 10.03 -21.01
N ASP A 213 -14.91 10.14 -20.20
CA ASP A 213 -15.18 11.35 -19.43
C ASP A 213 -14.06 11.67 -18.44
N ILE A 214 -13.17 10.72 -18.23
CA ILE A 214 -12.06 10.92 -17.31
C ILE A 214 -10.75 10.95 -18.08
N LEU A 215 -10.68 10.18 -19.16
CA LEU A 215 -9.48 10.12 -19.99
C LEU A 215 -9.16 11.47 -20.63
N ASN A 216 -10.16 12.33 -20.73
CA ASN A 216 -9.92 13.64 -21.34
C ASN A 216 -10.11 14.83 -20.40
N ILE A 217 -9.85 14.62 -19.10
CA ILE A 217 -9.93 15.70 -18.12
C ILE A 217 -8.67 15.68 -17.26
N GLY A 218 -7.73 14.80 -17.62
CA GLY A 218 -6.50 14.73 -16.87
C GLY A 218 -5.87 13.36 -16.66
N LEU A 219 -6.67 12.29 -16.73
CA LEU A 219 -6.14 10.96 -16.52
C LEU A 219 -4.91 10.64 -17.35
N LYS A 220 -4.88 11.06 -18.62
CA LYS A 220 -3.73 10.79 -19.46
C LYS A 220 -2.48 11.51 -18.99
N GLU A 221 -2.66 12.60 -18.25
CA GLU A 221 -1.51 13.39 -17.80
C GLU A 221 -1.16 13.36 -16.30
N VAL A 222 -2.07 12.84 -15.48
CA VAL A 222 -1.82 12.79 -14.04
C VAL A 222 -1.50 11.38 -13.54
N LYS A 223 -0.42 11.22 -12.78
CA LYS A 223 -0.12 9.89 -12.24
C LYS A 223 -1.35 9.55 -11.41
N THR A 224 -1.98 8.42 -11.73
CA THR A 224 -3.19 8.01 -11.05
C THR A 224 -3.11 6.60 -10.52
N ILE A 225 -3.50 6.42 -9.26
CA ILE A 225 -3.53 5.11 -8.65
C ILE A 225 -5.01 4.78 -8.51
N ALA A 226 -5.48 3.92 -9.40
CA ALA A 226 -6.89 3.54 -9.40
C ALA A 226 -7.13 2.25 -8.65
N ALA A 227 -7.75 2.37 -7.49
CA ALA A 227 -8.04 1.20 -6.66
C ALA A 227 -9.19 0.39 -7.25
N HIS A 228 -9.11 -0.93 -7.08
CA HIS A 228 -10.13 -1.87 -7.57
C HIS A 228 -10.14 -2.17 -9.08
N CYS A 229 -10.78 -1.33 -9.89
CA CYS A 229 -10.84 -1.58 -11.33
C CYS A 229 -11.42 -2.95 -11.65
N VAL A 230 -12.25 -3.45 -10.74
CA VAL A 230 -12.86 -4.76 -10.94
C VAL A 230 -13.64 -4.82 -12.24
N HIS A 231 -14.41 -3.77 -12.50
CA HIS A 231 -15.24 -3.73 -13.70
C HIS A 231 -14.77 -2.75 -14.76
N LEU A 232 -13.46 -2.51 -14.80
CA LEU A 232 -12.88 -1.63 -15.80
C LEU A 232 -13.03 -2.31 -17.17
N PRO A 233 -13.78 -1.69 -18.09
CA PRO A 233 -13.94 -2.32 -19.41
C PRO A 233 -12.61 -2.65 -20.09
N GLU A 234 -12.48 -3.89 -20.56
CA GLU A 234 -11.27 -4.36 -21.21
C GLU A 234 -10.89 -3.57 -22.45
N ARG A 235 -11.87 -2.87 -23.05
CA ARG A 235 -11.60 -2.09 -24.25
C ARG A 235 -10.65 -0.92 -23.96
N TYR A 236 -10.47 -0.60 -22.69
CA TYR A 236 -9.58 0.50 -22.30
C TYR A 236 -8.17 0.08 -21.95
N PHE A 237 -7.98 -1.22 -21.65
CA PHE A 237 -6.67 -1.73 -21.28
C PHE A 237 -5.57 -1.22 -22.20
N GLY A 238 -5.85 -1.21 -23.49
CA GLY A 238 -4.87 -0.75 -24.46
C GLY A 238 -4.36 0.66 -24.23
N VAL A 239 -5.29 1.60 -24.07
CA VAL A 239 -4.92 3.01 -23.85
C VAL A 239 -4.30 3.31 -22.49
N LEU A 240 -4.65 2.52 -21.48
CA LEU A 240 -4.12 2.73 -20.14
C LEU A 240 -2.68 2.26 -20.00
N LYS A 241 -2.23 1.55 -21.01
CA LYS A 241 -0.89 0.99 -21.04
C LYS A 241 0.26 1.99 -21.02
N ASP A 242 0.13 3.10 -21.75
CA ASP A 242 1.22 4.06 -21.80
C ASP A 242 1.11 5.36 -21.00
N ILE A 243 0.10 5.46 -20.15
CA ILE A 243 -0.04 6.66 -19.31
C ILE A 243 0.31 6.23 -17.89
N PRO A 244 0.69 7.18 -17.02
CA PRO A 244 1.04 6.84 -15.63
C PRO A 244 -0.18 6.42 -14.82
N PHE A 245 -0.86 5.38 -15.30
CA PHE A 245 -2.04 4.83 -14.67
C PHE A 245 -1.64 3.55 -13.92
N PHE A 246 -1.81 3.55 -12.61
CA PHE A 246 -1.46 2.39 -11.79
C PHE A 246 -2.68 1.77 -11.13
N VAL A 247 -2.98 0.52 -11.49
CA VAL A 247 -4.11 -0.15 -10.88
C VAL A 247 -3.69 -0.63 -9.50
N SER A 248 -4.51 -0.39 -8.49
CA SER A 248 -4.19 -0.90 -7.17
C SER A 248 -5.20 -2.04 -6.95
N HIS A 249 -4.69 -3.26 -7.04
CA HIS A 249 -5.49 -4.47 -6.88
C HIS A 249 -5.76 -4.78 -5.41
N ASN A 250 -7.02 -4.87 -5.04
CA ASN A 250 -7.40 -5.12 -3.64
C ASN A 250 -8.30 -6.35 -3.57
N PRO A 251 -7.74 -7.55 -3.86
CA PRO A 251 -8.46 -8.82 -3.86
C PRO A 251 -9.34 -9.16 -2.67
N ALA A 252 -8.77 -9.10 -1.47
CA ALA A 252 -9.54 -9.43 -0.28
C ALA A 252 -10.78 -8.56 -0.13
N SER A 253 -10.61 -7.24 -0.27
CA SER A 253 -11.74 -6.33 -0.16
C SER A 253 -12.82 -6.57 -1.21
N ASN A 254 -12.38 -6.79 -2.46
CA ASN A 254 -13.32 -7.05 -3.55
C ASN A 254 -14.17 -8.30 -3.23
N LEU A 255 -13.53 -9.35 -2.75
CA LEU A 255 -14.26 -10.56 -2.40
C LEU A 255 -15.19 -10.34 -1.20
N LYS A 256 -14.63 -9.84 -0.11
CA LYS A 256 -15.39 -9.63 1.12
C LYS A 256 -16.65 -8.75 0.96
N LEU A 257 -16.61 -7.76 0.08
CA LEU A 257 -17.78 -6.92 -0.12
C LEU A 257 -18.61 -7.38 -1.30
N GLY A 258 -18.31 -8.59 -1.78
CA GLY A 258 -19.03 -9.17 -2.89
C GLY A 258 -18.97 -8.41 -4.19
N ASN A 259 -17.83 -7.79 -4.47
CA ASN A 259 -17.70 -7.01 -5.69
C ASN A 259 -17.13 -7.81 -6.85
N GLY A 260 -16.47 -8.93 -6.56
CA GLY A 260 -15.95 -9.74 -7.63
C GLY A 260 -14.43 -9.85 -7.71
N ILE A 261 -13.93 -10.30 -8.86
CA ILE A 261 -12.51 -10.47 -9.09
C ILE A 261 -12.03 -9.67 -10.30
N ALA A 262 -11.04 -8.81 -10.10
CA ALA A 262 -10.52 -8.01 -11.20
C ALA A 262 -9.65 -8.88 -12.12
N PRO A 263 -9.81 -8.71 -13.45
CA PRO A 263 -9.06 -9.47 -14.44
C PRO A 263 -7.62 -8.95 -14.55
N VAL A 264 -6.88 -9.08 -13.45
CA VAL A 264 -5.51 -8.60 -13.38
C VAL A 264 -4.57 -9.20 -14.42
N GLN A 265 -4.68 -10.51 -14.65
CA GLN A 265 -3.82 -11.19 -15.62
C GLN A 265 -3.97 -10.54 -17.00
N ARG A 266 -5.21 -10.31 -17.39
CA ARG A 266 -5.54 -9.69 -18.68
C ARG A 266 -4.93 -8.28 -18.75
N MET A 267 -5.14 -7.49 -17.70
CA MET A 267 -4.60 -6.14 -17.65
C MET A 267 -3.09 -6.15 -17.84
N ILE A 268 -2.41 -7.05 -17.12
CA ILE A 268 -0.97 -7.17 -17.20
C ILE A 268 -0.51 -7.57 -18.60
N GLU A 269 -1.22 -8.50 -19.22
CA GLU A 269 -0.85 -8.96 -20.55
C GLU A 269 -1.04 -7.85 -21.57
N HIS A 270 -1.89 -6.88 -21.26
CA HIS A 270 -2.12 -5.75 -22.14
C HIS A 270 -1.10 -4.65 -21.88
N GLY A 271 -0.14 -4.90 -21.00
CA GLY A 271 0.87 -3.90 -20.70
C GLY A 271 0.57 -2.92 -19.57
N MET A 272 -0.58 -3.07 -18.92
CA MET A 272 -0.93 -2.17 -17.82
C MET A 272 -0.09 -2.42 -16.58
N LYS A 273 0.17 -1.35 -15.82
CA LYS A 273 0.94 -1.44 -14.58
C LYS A 273 -0.03 -1.80 -13.45
N VAL A 274 0.31 -2.84 -12.69
CA VAL A 274 -0.56 -3.28 -11.61
C VAL A 274 0.17 -3.40 -10.28
N THR A 275 -0.45 -2.90 -9.22
CA THR A 275 0.14 -2.95 -7.88
C THR A 275 -0.86 -3.55 -6.89
N LEU A 276 -0.41 -3.76 -5.65
CA LEU A 276 -1.27 -4.35 -4.64
C LEU A 276 -1.58 -3.45 -3.46
N GLY A 277 -2.86 -3.39 -3.11
CA GLY A 277 -3.31 -2.60 -1.99
C GLY A 277 -4.16 -3.50 -1.10
N THR A 278 -4.30 -3.11 0.17
CA THR A 278 -5.09 -3.90 1.12
C THR A 278 -6.46 -3.32 1.37
N ASP A 279 -6.59 -2.02 1.09
CA ASP A 279 -7.80 -1.26 1.35
C ASP A 279 -7.83 -1.12 2.88
N GLY A 280 -9.00 -0.86 3.47
CA GLY A 280 -9.06 -0.68 4.92
C GLY A 280 -9.35 -1.93 5.73
N ALA A 281 -9.02 -1.88 7.02
CA ALA A 281 -9.20 -3.00 7.94
C ALA A 281 -10.65 -3.39 8.24
N ALA A 282 -11.61 -2.59 7.78
CA ALA A 282 -13.01 -2.91 8.02
C ALA A 282 -13.57 -3.77 6.90
N SER A 283 -12.83 -3.89 5.80
CA SER A 283 -13.28 -4.72 4.68
C SER A 283 -12.14 -5.57 4.13
N ASN A 284 -11.35 -6.18 5.01
CA ASN A 284 -10.27 -7.02 4.55
C ASN A 284 -10.12 -8.37 5.27
N ASN A 285 -9.84 -8.41 6.59
CA ASN A 285 -9.65 -7.25 7.46
C ASN A 285 -8.23 -7.08 7.95
N SER A 286 -7.26 -7.62 7.22
CA SER A 286 -5.86 -7.47 7.62
C SER A 286 -5.16 -6.45 6.72
N LEU A 287 -4.00 -5.99 7.15
CA LEU A 287 -3.21 -5.05 6.37
C LEU A 287 -1.92 -5.82 6.10
N ASN A 288 -2.06 -6.93 5.39
CA ASN A 288 -0.95 -7.81 5.09
C ASN A 288 -0.78 -7.98 3.58
N LEU A 289 0.25 -7.36 3.01
CA LEU A 289 0.44 -7.44 1.57
C LEU A 289 0.93 -8.81 1.09
N PHE A 290 1.46 -9.64 1.98
CA PHE A 290 1.88 -10.98 1.56
C PHE A 290 0.61 -11.79 1.34
N PHE A 291 -0.34 -11.64 2.26
CA PHE A 291 -1.62 -12.33 2.15
C PHE A 291 -2.30 -11.86 0.87
N GLU A 292 -2.34 -10.55 0.68
CA GLU A 292 -2.97 -9.96 -0.50
C GLU A 292 -2.35 -10.50 -1.78
N MET A 293 -1.02 -10.59 -1.82
CA MET A 293 -0.31 -11.08 -2.99
C MET A 293 -0.65 -12.54 -3.27
N ARG A 294 -0.60 -13.36 -2.24
CA ARG A 294 -0.93 -14.76 -2.39
C ARG A 294 -2.35 -14.91 -2.93
N LEU A 295 -3.29 -14.23 -2.29
CA LEU A 295 -4.69 -14.28 -2.69
C LEU A 295 -4.84 -13.86 -4.15
N ALA A 296 -4.21 -12.75 -4.53
CA ALA A 296 -4.28 -12.27 -5.90
C ALA A 296 -3.85 -13.36 -6.87
N SER A 297 -2.71 -13.99 -6.59
CA SER A 297 -2.18 -15.04 -7.45
C SER A 297 -3.16 -16.21 -7.60
N LEU A 298 -3.65 -16.69 -6.47
CA LEU A 298 -4.61 -17.80 -6.47
C LEU A 298 -5.84 -17.48 -7.31
N LEU A 299 -6.42 -16.29 -7.13
CA LEU A 299 -7.61 -15.92 -7.88
C LEU A 299 -7.39 -15.92 -9.38
N GLN A 300 -6.21 -15.50 -9.84
CA GLN A 300 -5.96 -15.50 -11.27
C GLN A 300 -5.68 -16.92 -11.75
N LYS A 301 -5.05 -17.72 -10.89
CA LYS A 301 -4.73 -19.09 -11.27
C LYS A 301 -5.95 -19.96 -11.46
N ALA A 302 -7.07 -19.56 -10.85
CA ALA A 302 -8.31 -20.31 -10.99
C ALA A 302 -8.70 -20.36 -12.47
N GLN A 303 -8.35 -19.31 -13.19
CA GLN A 303 -8.66 -19.26 -14.61
C GLN A 303 -7.57 -19.98 -15.43
N ASN A 304 -6.34 -19.92 -14.95
CA ASN A 304 -5.22 -20.56 -15.62
C ASN A 304 -4.07 -20.63 -14.64
N PRO A 305 -3.70 -21.85 -14.21
CA PRO A 305 -2.61 -22.06 -13.26
C PRO A 305 -1.29 -21.39 -13.63
N ARG A 306 -1.15 -20.94 -14.87
CA ARG A 306 0.09 -20.27 -15.27
C ARG A 306 0.03 -18.77 -14.98
N ASN A 307 -1.15 -18.28 -14.65
CA ASN A 307 -1.35 -16.86 -14.33
C ASN A 307 -0.56 -16.41 -13.09
N LEU A 308 -0.24 -15.12 -13.04
CA LEU A 308 0.50 -14.52 -11.93
C LEU A 308 1.57 -15.37 -11.31
N ASP A 309 2.64 -15.59 -12.06
CA ASP A 309 3.75 -16.40 -11.58
C ASP A 309 4.48 -15.67 -10.47
N VAL A 310 5.30 -16.41 -9.73
CA VAL A 310 6.04 -15.89 -8.60
C VAL A 310 6.78 -14.55 -8.81
N ASN A 311 7.64 -14.47 -9.82
CA ASN A 311 8.37 -13.22 -10.05
C ASN A 311 7.46 -12.02 -10.31
N THR A 312 6.39 -12.23 -11.07
CA THR A 312 5.45 -11.16 -11.35
C THR A 312 4.82 -10.69 -10.04
N CYS A 313 4.56 -11.63 -9.14
CA CYS A 313 3.96 -11.31 -7.86
C CYS A 313 4.94 -10.50 -6.99
N LEU A 314 6.17 -10.99 -6.86
CA LEU A 314 7.15 -10.29 -6.05
C LEU A 314 7.41 -8.88 -6.59
N LYS A 315 7.39 -8.74 -7.91
CA LYS A 315 7.58 -7.45 -8.54
C LYS A 315 6.44 -6.48 -8.17
N MET A 316 5.22 -7.01 -8.18
CA MET A 316 4.02 -6.23 -7.86
C MET A 316 4.07 -5.62 -6.48
N VAL A 317 4.40 -6.41 -5.46
CA VAL A 317 4.44 -5.93 -4.09
C VAL A 317 5.68 -5.11 -3.74
N THR A 318 6.74 -5.25 -4.53
CA THR A 318 7.95 -4.49 -4.23
C THR A 318 8.17 -3.34 -5.18
N TYR A 319 8.81 -3.61 -6.31
CA TYR A 319 9.13 -2.58 -7.28
C TYR A 319 7.97 -1.78 -7.87
N ASP A 320 6.92 -2.45 -8.35
CA ASP A 320 5.81 -1.73 -8.95
C ASP A 320 5.12 -0.82 -7.93
N GLY A 321 5.01 -1.28 -6.69
CA GLY A 321 4.39 -0.48 -5.65
C GLY A 321 5.19 0.80 -5.44
N ALA A 322 6.49 0.65 -5.24
CA ALA A 322 7.37 1.80 -5.03
C ALA A 322 7.26 2.78 -6.21
N GLN A 323 7.11 2.25 -7.42
CA GLN A 323 6.98 3.08 -8.60
C GLN A 323 5.72 3.93 -8.57
N ALA A 324 4.59 3.32 -8.21
CA ALA A 324 3.34 4.08 -8.14
C ALA A 324 3.47 5.16 -7.08
N MET A 325 4.23 4.88 -6.02
CA MET A 325 4.42 5.84 -4.94
C MET A 325 5.56 6.86 -5.17
N GLY A 326 6.27 6.71 -6.28
CA GLY A 326 7.34 7.64 -6.58
C GLY A 326 8.58 7.49 -5.72
N PHE A 327 8.83 6.29 -5.19
CA PHE A 327 10.01 6.07 -4.37
C PHE A 327 10.98 5.15 -5.07
N LYS A 328 12.26 5.47 -4.97
CA LYS A 328 13.31 4.66 -5.57
C LYS A 328 13.63 3.49 -4.65
N SER A 329 12.66 2.61 -4.48
CA SER A 329 12.81 1.43 -3.66
C SER A 329 12.36 0.23 -4.47
N GLY A 330 12.46 -0.96 -3.90
CA GLY A 330 12.02 -2.15 -4.61
C GLY A 330 13.14 -3.03 -5.14
N LYS A 331 14.37 -2.60 -4.95
CA LYS A 331 15.52 -3.36 -5.42
C LYS A 331 16.71 -3.05 -4.53
N ILE A 332 17.43 -4.09 -4.13
CA ILE A 332 18.60 -3.90 -3.31
C ILE A 332 19.79 -3.66 -4.23
N GLU A 333 19.95 -2.40 -4.62
CA GLU A 333 21.04 -1.98 -5.50
C GLU A 333 21.62 -0.66 -4.98
N GLU A 334 22.86 -0.37 -5.38
CA GLU A 334 23.50 0.86 -4.94
C GLU A 334 22.75 2.09 -5.39
N GLY A 335 22.49 3.00 -4.45
CA GLY A 335 21.78 4.22 -4.78
C GLY A 335 20.30 4.18 -4.49
N TRP A 336 19.76 2.98 -4.32
CA TRP A 336 18.33 2.84 -4.03
C TRP A 336 18.10 3.01 -2.55
N ASN A 337 16.86 3.32 -2.17
CA ASN A 337 16.53 3.50 -0.77
C ASN A 337 16.77 2.25 0.04
N ALA A 338 17.15 2.44 1.29
CA ALA A 338 17.40 1.32 2.19
C ALA A 338 16.08 0.90 2.86
N ASP A 339 15.17 0.38 2.05
CA ASP A 339 13.87 -0.11 2.53
C ASP A 339 13.93 -1.62 2.34
N LEU A 340 14.18 -2.32 3.44
CA LEU A 340 14.34 -3.77 3.38
C LEU A 340 13.54 -4.50 4.45
N VAL A 341 13.35 -5.79 4.23
CA VAL A 341 12.65 -6.64 5.18
C VAL A 341 13.45 -7.92 5.36
N VAL A 342 13.41 -8.46 6.57
CA VAL A 342 14.14 -9.68 6.90
C VAL A 342 13.15 -10.81 7.19
N ILE A 343 13.27 -11.89 6.43
CA ILE A 343 12.40 -13.05 6.58
C ILE A 343 13.14 -14.20 7.24
N ASP A 344 12.51 -14.85 8.21
CA ASP A 344 13.13 -15.97 8.89
C ASP A 344 13.00 -17.24 8.07
N LEU A 345 14.12 -17.82 7.65
CA LEU A 345 14.09 -19.04 6.84
C LEU A 345 14.03 -20.31 7.67
N ASP A 346 14.19 -20.20 8.98
CA ASP A 346 14.17 -21.36 9.86
C ASP A 346 12.75 -21.75 10.25
N LEU A 347 11.87 -21.86 9.26
CA LEU A 347 10.49 -22.21 9.50
C LEU A 347 10.05 -23.35 8.59
N PRO A 348 9.05 -24.13 9.02
CA PRO A 348 8.55 -25.26 8.23
C PRO A 348 8.15 -24.86 6.81
N GLU A 349 7.44 -23.75 6.68
CA GLU A 349 6.97 -23.27 5.39
C GLU A 349 8.07 -22.79 4.44
N MET A 350 9.31 -22.67 4.92
CA MET A 350 10.38 -22.21 4.05
C MET A 350 11.24 -23.35 3.51
N PHE A 351 10.73 -24.56 3.60
CA PHE A 351 11.43 -25.75 3.13
C PHE A 351 10.61 -26.38 2.02
N PRO A 352 11.25 -26.95 0.97
CA PRO A 352 12.70 -27.08 0.71
C PRO A 352 13.33 -25.71 0.48
N VAL A 353 14.54 -25.52 0.97
CA VAL A 353 15.24 -24.25 0.82
C VAL A 353 15.43 -23.79 -0.62
N GLN A 354 15.53 -24.73 -1.54
CA GLN A 354 15.74 -24.37 -2.94
C GLN A 354 14.55 -23.66 -3.59
N ASN A 355 13.41 -23.61 -2.91
CA ASN A 355 12.26 -22.94 -3.50
C ASN A 355 11.76 -21.75 -2.68
N ILE A 356 12.70 -21.07 -2.01
CA ILE A 356 12.37 -19.92 -1.18
C ILE A 356 11.44 -18.90 -1.84
N LYS A 357 11.78 -18.45 -3.04
CA LYS A 357 10.92 -17.46 -3.70
C LYS A 357 9.48 -17.94 -3.80
N ASN A 358 9.28 -19.19 -4.23
CA ASN A 358 7.93 -19.71 -4.34
C ASN A 358 7.26 -19.69 -2.96
N HIS A 359 8.01 -20.05 -1.92
CA HIS A 359 7.46 -20.06 -0.57
C HIS A 359 6.99 -18.67 -0.14
N LEU A 360 7.71 -17.64 -0.56
CA LEU A 360 7.36 -16.26 -0.24
C LEU A 360 5.97 -15.90 -0.76
N VAL A 361 5.60 -16.49 -1.88
CA VAL A 361 4.31 -16.21 -2.49
C VAL A 361 3.18 -17.18 -2.14
N HIS A 362 3.50 -18.46 -2.00
CA HIS A 362 2.47 -19.46 -1.74
C HIS A 362 2.49 -20.25 -0.43
N ALA A 363 3.30 -19.85 0.54
CA ALA A 363 3.34 -20.61 1.79
C ALA A 363 3.67 -19.79 3.02
N PHE A 364 4.30 -18.63 2.80
CA PHE A 364 4.68 -17.76 3.91
C PHE A 364 3.49 -17.00 4.47
N SER A 365 3.37 -16.99 5.80
CA SER A 365 2.26 -16.31 6.48
C SER A 365 2.28 -14.79 6.33
N GLY A 366 3.47 -14.22 6.24
CA GLY A 366 3.57 -12.78 6.13
C GLY A 366 4.19 -12.14 7.37
N GLU A 367 4.40 -12.93 8.42
CA GLU A 367 5.02 -12.40 9.64
C GLU A 367 6.52 -12.33 9.35
N VAL A 368 7.02 -11.11 9.13
CA VAL A 368 8.44 -10.93 8.85
C VAL A 368 9.22 -10.84 10.15
N PHE A 369 10.53 -10.86 10.07
CA PHE A 369 11.38 -10.78 11.26
C PHE A 369 11.67 -9.32 11.62
N ALA A 370 11.89 -8.52 10.60
CA ALA A 370 12.19 -7.11 10.80
C ALA A 370 11.95 -6.34 9.50
N THR A 371 11.71 -5.04 9.63
CA THR A 371 11.46 -4.18 8.49
C THR A 371 12.23 -2.88 8.63
N MET A 372 12.96 -2.51 7.59
CA MET A 372 13.76 -1.30 7.61
C MET A 372 13.29 -0.28 6.59
N VAL A 373 13.13 0.96 7.03
CA VAL A 373 12.71 2.06 6.14
C VAL A 373 13.68 3.23 6.31
N ALA A 374 14.18 3.75 5.19
CA ALA A 374 15.11 4.87 5.24
C ALA A 374 16.27 4.55 6.19
N GLY A 375 16.69 3.29 6.19
CA GLY A 375 17.81 2.89 7.03
C GLY A 375 17.50 2.66 8.50
N LYS A 376 16.27 2.91 8.91
CA LYS A 376 15.91 2.70 10.31
C LYS A 376 15.02 1.48 10.48
N TRP A 377 15.19 0.80 11.61
CA TRP A 377 14.37 -0.38 11.89
C TRP A 377 13.05 0.14 12.45
N ILE A 378 11.94 -0.18 11.80
CA ILE A 378 10.65 0.26 12.31
C ILE A 378 9.95 -0.93 12.97
N TYR A 379 10.53 -2.11 12.78
CA TYR A 379 10.02 -3.36 13.37
C TYR A 379 11.20 -4.31 13.42
N PHE A 380 11.43 -4.93 14.57
CA PHE A 380 12.56 -5.84 14.70
C PHE A 380 12.33 -6.85 15.82
N ASP A 381 12.26 -8.12 15.43
CA ASP A 381 12.05 -9.21 16.37
C ASP A 381 10.90 -8.93 17.34
N GLY A 382 9.75 -8.55 16.79
CA GLY A 382 8.59 -8.29 17.61
C GLY A 382 8.58 -6.94 18.32
N GLU A 383 9.61 -6.14 18.08
CA GLU A 383 9.70 -4.83 18.72
C GLU A 383 9.48 -3.65 17.80
N TYR A 384 8.94 -2.57 18.37
CA TYR A 384 8.70 -1.34 17.63
C TYR A 384 9.63 -0.30 18.24
N PRO A 385 10.85 -0.19 17.71
CA PRO A 385 11.86 0.76 18.19
C PRO A 385 11.56 2.25 18.05
N THR A 386 10.63 2.62 17.18
CA THR A 386 10.34 4.03 17.00
C THR A 386 9.20 4.57 17.85
N ILE A 387 8.56 3.72 18.64
CA ILE A 387 7.44 4.17 19.47
C ILE A 387 7.38 3.51 20.84
N ASP A 388 6.51 4.03 21.69
CA ASP A 388 6.30 3.50 23.02
C ASP A 388 5.10 2.58 22.91
N SER A 389 5.36 1.31 22.63
CA SER A 389 4.32 0.29 22.49
C SER A 389 3.27 0.38 23.58
N GLU A 390 3.71 0.28 24.81
CA GLU A 390 2.79 0.29 25.94
C GLU A 390 1.91 1.54 26.02
N GLU A 391 2.49 2.71 25.74
CA GLU A 391 1.68 3.93 25.77
C GLU A 391 0.63 3.84 24.67
N VAL A 392 1.10 3.59 23.45
CA VAL A 392 0.21 3.47 22.29
C VAL A 392 -0.92 2.50 22.61
N LYS A 393 -0.59 1.35 23.17
CA LYS A 393 -1.60 0.36 23.49
C LYS A 393 -2.65 0.87 24.46
N ARG A 394 -2.23 1.61 25.49
CA ARG A 394 -3.18 2.14 26.45
C ARG A 394 -4.13 3.11 25.75
N GLU A 395 -3.57 4.01 24.95
CA GLU A 395 -4.38 4.97 24.23
C GLU A 395 -5.42 4.25 23.37
N LEU A 396 -4.99 3.23 22.63
CA LEU A 396 -5.91 2.48 21.78
C LEU A 396 -7.03 1.87 22.62
N ALA A 397 -6.69 1.42 23.83
CA ALA A 397 -7.68 0.83 24.71
C ALA A 397 -8.71 1.89 25.11
N ARG A 398 -8.24 3.10 25.37
CA ARG A 398 -9.17 4.17 25.73
C ARG A 398 -10.03 4.52 24.52
N ILE A 399 -9.39 4.56 23.36
CA ILE A 399 -10.12 4.87 22.13
C ILE A 399 -11.22 3.82 21.90
N GLU A 400 -10.91 2.54 22.09
CA GLU A 400 -11.95 1.54 21.87
C GLU A 400 -13.16 1.84 22.75
N LYS A 401 -12.93 2.21 24.00
CA LYS A 401 -14.02 2.52 24.90
C LYS A 401 -14.79 3.77 24.45
N GLU A 402 -14.04 4.81 24.10
CA GLU A 402 -14.63 6.07 23.68
C GLU A 402 -15.41 5.93 22.38
N LEU A 403 -14.81 5.30 21.38
CA LEU A 403 -15.44 5.15 20.07
C LEU A 403 -16.70 4.31 20.08
N TYR A 404 -16.68 3.19 20.81
CA TYR A 404 -17.82 2.30 20.86
C TYR A 404 -18.46 2.28 22.24
#